data_4Y2B
#
_entry.id   4Y2B
#
_cell.length_a   115.961
_cell.length_b   115.961
_cell.length_c   64.409
_cell.angle_alpha   90.00
_cell.angle_beta   90.00
_cell.angle_gamma   120.00
#
_symmetry.space_group_name_H-M   'P 31 2 1'
#
loop_
_entity.id
_entity.type
_entity.pdbx_description
1 polymer "High affinity cAMP-specific 3',5'-cyclic phosphodiesterase 7A"
2 non-polymer 'ZINC ION'
3 non-polymer 'MAGNESIUM ION'
4 non-polymer 3-ethyl-2-(propan-2-ylamino)-7-(pyridin-3-yl)thieno[3,2-d]pyrimidin-4(3H)-one
5 water water
#
_entity_poly.entity_id   1
_entity_poly.type   'polypeptide(L)'
_entity_poly.pdbx_seq_one_letter_code
;GSGMKETAAAKFERQHMDSPDLGTDDDDKAMADIGSSNSLNILDDDYNGQAKCMLEKVGNWNFDIFLFDRLTNGNSLVSL
TFHLFSLHGLIEYFHLDMMKLRRFLVMIQEDYHSQNPYHNAVHAADVTQAMHCYLKEPKLANSVTPWDILLSLIAAATHD
LDHPGVNQPFLIKTNHYLATLYKNTSVLENHHWRSAVGLLRESGLFSHLPLESRQQMETQIGALILATDISRQNEYLSLF
RSHLDRGDLCLEDTRHRHLVLQMALKCADICNPCRTWELSKQWSEKVTEEFFHQGDIEKKYHLGVSPLCDRHTESIANIQ
IGFMTYLVEPLFTEWARFSNTRLSQTMLGHVGLNKASWKGLQREQSSSEDTDAAFELNSQLLPQENRLS
;
_entity_poly.pdbx_strand_id   A
#
# COMPACT_ATOMS: atom_id res chain seq x y z
N ASP A 46 -8.44 0.26 29.54
CA ASP A 46 -8.80 -1.01 28.83
C ASP A 46 -8.20 -1.05 27.41
N TYR A 47 -8.45 0.04 26.64
CA TYR A 47 -8.16 0.19 25.17
C TYR A 47 -6.68 0.12 24.76
N ASN A 48 -5.80 0.81 25.51
CA ASN A 48 -4.34 0.61 25.41
C ASN A 48 -3.85 -0.83 25.67
N GLY A 49 -4.47 -1.51 26.64
CA GLY A 49 -4.30 -2.96 26.87
C GLY A 49 -4.58 -3.84 25.65
N GLN A 50 -5.80 -3.77 25.10
CA GLN A 50 -6.23 -4.66 24.00
C GLN A 50 -5.48 -4.44 22.67
N ALA A 51 -5.09 -3.18 22.40
CA ALA A 51 -4.21 -2.79 21.28
C ALA A 51 -2.89 -3.58 21.30
N LYS A 52 -2.16 -3.49 22.42
CA LYS A 52 -0.94 -4.31 22.73
C LYS A 52 -1.19 -5.80 22.43
N CYS A 53 -2.32 -6.25 22.90
CA CYS A 53 -2.71 -7.60 22.65
C CYS A 53 -2.90 -7.92 21.16
N MET A 54 -3.63 -7.09 20.39
CA MET A 54 -3.79 -7.29 18.92
C MET A 54 -2.45 -7.40 18.16
N LEU A 55 -1.47 -6.58 18.55
CA LEU A 55 -0.18 -6.58 17.88
C LEU A 55 0.57 -7.94 17.96
N GLU A 56 0.23 -8.76 18.98
CA GLU A 56 0.80 -10.12 19.09
C GLU A 56 0.43 -10.88 17.85
N LYS A 57 -0.61 -10.43 17.15
CA LYS A 57 -1.14 -11.13 15.96
C LYS A 57 -0.94 -10.35 14.64
N VAL A 58 0.03 -9.44 14.62
CA VAL A 58 0.30 -8.59 13.50
C VAL A 58 0.71 -9.38 12.21
N GLY A 59 1.20 -10.61 12.34
CA GLY A 59 1.58 -11.47 11.23
C GLY A 59 0.38 -12.28 10.71
N ASN A 60 -0.83 -12.05 11.26
CA ASN A 60 -2.01 -12.83 10.82
C ASN A 60 -2.68 -12.15 9.59
N TRP A 61 -3.07 -12.94 8.62
CA TRP A 61 -3.75 -12.38 7.48
C TRP A 61 -5.13 -11.77 7.85
N ASN A 62 -5.73 -12.22 8.94
CA ASN A 62 -7.02 -11.71 9.37
C ASN A 62 -6.88 -10.60 10.40
N PHE A 63 -5.65 -10.12 10.67
CA PHE A 63 -5.56 -8.87 11.46
C PHE A 63 -6.69 -7.87 11.09
N ASP A 64 -7.26 -7.20 12.09
CA ASP A 64 -8.30 -6.21 11.88
C ASP A 64 -7.83 -4.77 12.09
N ILE A 65 -7.46 -4.10 11.00
CA ILE A 65 -6.87 -2.80 11.14
C ILE A 65 -7.90 -1.74 11.58
N PHE A 66 -9.18 -1.94 11.21
CA PHE A 66 -10.19 -0.99 11.65
C PHE A 66 -10.35 -0.92 13.17
N LEU A 67 -10.48 -2.09 13.82
CA LEU A 67 -10.59 -2.15 15.25
C LEU A 67 -9.31 -1.56 15.85
N PHE A 68 -8.16 -1.95 15.27
CA PHE A 68 -6.89 -1.44 15.78
C PHE A 68 -6.83 0.07 15.78
N ASP A 69 -7.34 0.68 14.71
CA ASP A 69 -7.31 2.16 14.63
C ASP A 69 -8.31 2.76 15.63
N ARG A 70 -9.46 2.11 15.77
CA ARG A 70 -10.43 2.57 16.77
C ARG A 70 -9.83 2.48 18.19
N LEU A 71 -9.33 1.31 18.54
CA LEU A 71 -8.65 1.17 19.82
C LEU A 71 -7.55 2.23 20.09
N THR A 72 -6.86 2.70 19.05
CA THR A 72 -5.74 3.61 19.27
C THR A 72 -6.09 5.06 19.05
N ASN A 73 -7.38 5.42 19.01
CA ASN A 73 -7.80 6.78 18.69
C ASN A 73 -7.16 7.36 17.48
N GLY A 74 -7.08 6.54 16.44
CA GLY A 74 -6.64 6.99 15.12
C GLY A 74 -5.13 6.89 14.96
N ASN A 75 -4.46 6.10 15.81
CA ASN A 75 -2.99 6.04 15.80
C ASN A 75 -2.49 4.72 15.18
N SER A 76 -3.27 4.08 14.30
CA SER A 76 -2.86 2.78 13.82
C SER A 76 -1.52 2.80 13.04
N LEU A 77 -1.30 3.80 12.21
CA LEU A 77 -0.11 3.71 11.36
C LEU A 77 1.13 3.87 12.23
N VAL A 78 1.12 4.84 13.12
CA VAL A 78 2.28 5.05 14.00
C VAL A 78 2.50 3.81 14.92
N SER A 79 1.43 3.41 15.57
CA SER A 79 1.53 2.32 16.50
C SER A 79 1.92 0.95 15.85
N LEU A 80 1.22 0.57 14.77
CA LEU A 80 1.65 -0.58 13.99
C LEU A 80 3.13 -0.48 13.49
N THR A 81 3.50 0.61 12.85
CA THR A 81 4.80 0.61 12.22
C THR A 81 5.90 0.65 13.28
N PHE A 82 5.67 1.41 14.38
CA PHE A 82 6.69 1.44 15.44
C PHE A 82 6.94 0.02 15.89
N HIS A 83 5.88 -0.70 16.10
CA HIS A 83 5.99 -2.09 16.50
C HIS A 83 6.74 -3.00 15.54
N LEU A 84 6.48 -2.87 14.25
CA LEU A 84 7.19 -3.66 13.25
C LEU A 84 8.70 -3.30 13.21
N PHE A 85 9.06 -2.04 13.43
CA PHE A 85 10.47 -1.64 13.47
C PHE A 85 11.17 -2.40 14.61
N SER A 86 10.48 -2.46 15.74
CA SER A 86 10.98 -3.18 16.87
C SER A 86 11.01 -4.70 16.66
N LEU A 87 9.91 -5.26 16.16
CA LEU A 87 9.85 -6.67 15.81
C LEU A 87 10.93 -7.11 14.82
N HIS A 88 11.20 -6.31 13.78
CA HIS A 88 12.24 -6.68 12.83
C HIS A 88 13.64 -6.25 13.31
N GLY A 89 13.77 -5.71 14.53
CA GLY A 89 15.12 -5.44 15.12
C GLY A 89 15.72 -4.18 14.55
N LEU A 90 14.92 -3.38 13.85
CA LEU A 90 15.54 -2.27 13.06
C LEU A 90 16.05 -1.12 13.92
N ILE A 91 15.47 -0.95 15.11
CA ILE A 91 15.87 0.17 15.95
C ILE A 91 17.37 -0.03 16.40
N GLU A 92 17.70 -1.26 16.82
CA GLU A 92 19.09 -1.68 17.12
C GLU A 92 20.00 -1.75 15.88
N TYR A 93 19.49 -2.37 14.80
CA TYR A 93 20.29 -2.60 13.61
C TYR A 93 20.76 -1.30 13.08
N PHE A 94 19.89 -0.27 13.11
CA PHE A 94 20.29 1.02 12.56
C PHE A 94 20.55 2.13 13.59
N HIS A 95 20.73 1.75 14.86
CA HIS A 95 20.98 2.69 15.96
C HIS A 95 20.04 3.87 15.94
N LEU A 96 18.73 3.60 15.83
CA LEU A 96 17.73 4.68 15.61
C LEU A 96 17.36 5.36 16.92
N ASP A 97 17.32 6.66 16.95
CA ASP A 97 16.74 7.31 18.13
C ASP A 97 15.18 7.10 18.19
N MET A 98 14.66 6.43 19.24
CA MET A 98 13.20 6.16 19.29
C MET A 98 12.29 7.40 19.36
N MET A 99 12.88 8.51 19.81
CA MET A 99 12.15 9.75 19.87
C MET A 99 12.02 10.28 18.47
N LYS A 100 13.11 10.26 17.70
CA LYS A 100 13.01 10.68 16.31
C LYS A 100 12.14 9.72 15.53
N LEU A 101 12.22 8.42 15.85
CA LEU A 101 11.36 7.43 15.14
C LEU A 101 9.85 7.73 15.29
N ARG A 102 9.42 7.95 16.51
CA ARG A 102 8.03 8.25 16.78
C ARG A 102 7.66 9.57 16.06
N ARG A 103 8.50 10.59 16.11
CA ARG A 103 8.19 11.88 15.43
C ARG A 103 8.01 11.72 13.91
N PHE A 104 8.95 11.00 13.30
CA PHE A 104 8.88 10.70 11.86
C PHE A 104 7.54 9.95 11.55
N LEU A 105 7.23 8.91 12.31
CA LEU A 105 6.04 8.12 12.07
C LEU A 105 4.76 8.97 12.23
N VAL A 106 4.78 9.85 13.25
CA VAL A 106 3.69 10.79 13.44
C VAL A 106 3.55 11.79 12.31
N MET A 107 4.65 12.40 11.82
CA MET A 107 4.54 13.34 10.67
C MET A 107 3.94 12.62 9.43
N ILE A 108 4.39 11.40 9.14
CA ILE A 108 3.75 10.56 8.12
C ILE A 108 2.25 10.41 8.35
N GLN A 109 1.85 9.85 9.50
CA GLN A 109 0.44 9.59 9.77
C GLN A 109 -0.43 10.86 9.61
N GLU A 110 0.07 12.00 10.13
CA GLU A 110 -0.69 13.24 10.12
C GLU A 110 -0.69 13.88 8.75
N ASP A 111 0.15 13.39 7.84
CA ASP A 111 0.16 13.96 6.51
C ASP A 111 -0.76 13.21 5.53
N TYR A 112 -1.50 12.21 6.02
CA TYR A 112 -2.60 11.68 5.27
C TYR A 112 -3.84 12.56 5.53
N HIS A 113 -4.75 12.65 4.57
CA HIS A 113 -6.01 13.37 4.78
C HIS A 113 -7.02 12.41 5.38
N SER A 114 -7.27 12.53 6.70
CA SER A 114 -8.17 11.60 7.37
C SER A 114 -9.58 11.75 6.80
N GLN A 115 -9.84 12.87 6.14
CA GLN A 115 -11.15 13.05 5.62
C GLN A 115 -11.36 12.31 4.27
N ASN A 116 -10.30 11.78 3.60
CA ASN A 116 -10.50 10.86 2.49
C ASN A 116 -11.20 9.56 3.00
N PRO A 117 -12.29 9.12 2.35
CA PRO A 117 -12.87 7.85 2.75
C PRO A 117 -11.87 6.64 2.66
N TYR A 118 -11.00 6.65 1.68
CA TYR A 118 -10.16 5.47 1.42
C TYR A 118 -8.70 5.82 1.56
N HIS A 119 -8.27 6.87 0.86
CA HIS A 119 -6.86 7.21 0.90
C HIS A 119 -6.42 8.00 2.14
N ASN A 120 -6.40 7.32 3.29
CA ASN A 120 -6.03 7.93 4.52
C ASN A 120 -5.04 7.02 5.26
N ALA A 121 -4.66 7.39 6.51
CA ALA A 121 -3.54 6.68 7.15
C ALA A 121 -3.92 5.27 7.47
N VAL A 122 -5.21 4.97 7.60
CA VAL A 122 -5.59 3.54 7.88
C VAL A 122 -5.32 2.63 6.68
N HIS A 123 -5.54 3.12 5.47
CA HIS A 123 -5.20 2.33 4.29
C HIS A 123 -3.65 2.14 4.32
N ALA A 124 -2.90 3.19 4.59
CA ALA A 124 -1.40 3.05 4.70
C ALA A 124 -1.00 1.99 5.72
N ALA A 125 -1.66 1.97 6.89
CA ALA A 125 -1.35 1.06 7.97
C ALA A 125 -1.67 -0.35 7.51
N ASP A 126 -2.75 -0.50 6.79
CA ASP A 126 -3.19 -1.82 6.22
C ASP A 126 -2.17 -2.34 5.22
N VAL A 127 -1.66 -1.46 4.34
CA VAL A 127 -0.70 -1.88 3.33
C VAL A 127 0.63 -2.27 4.03
N THR A 128 1.02 -1.53 5.07
CA THR A 128 2.19 -1.85 5.85
C THR A 128 2.05 -3.25 6.55
N GLN A 129 0.87 -3.53 7.10
CA GLN A 129 0.65 -4.83 7.74
C GLN A 129 0.72 -5.94 6.68
N ALA A 130 0.13 -5.73 5.52
CA ALA A 130 0.25 -6.73 4.47
C ALA A 130 1.71 -6.91 4.03
N MET A 131 2.40 -5.80 3.80
CA MET A 131 3.78 -5.92 3.43
C MET A 131 4.62 -6.77 4.46
N HIS A 132 4.40 -6.49 5.71
CA HIS A 132 4.97 -7.30 6.76
C HIS A 132 4.62 -8.78 6.58
N CYS A 133 3.35 -9.12 6.26
CA CYS A 133 3.06 -10.54 6.01
C CYS A 133 3.87 -11.10 4.82
N TYR A 134 4.11 -10.29 3.78
CA TYR A 134 4.80 -10.83 2.64
C TYR A 134 6.30 -11.00 2.95
N LEU A 135 6.85 -10.10 3.77
CA LEU A 135 8.27 -10.15 4.17
C LEU A 135 8.51 -11.41 4.98
N LYS A 136 7.48 -11.94 5.63
CA LYS A 136 7.55 -13.20 6.37
C LYS A 136 7.51 -14.48 5.47
N GLU A 137 7.15 -14.33 4.19
CA GLU A 137 7.09 -15.47 3.31
C GLU A 137 8.53 -15.98 3.12
N PRO A 138 8.75 -17.34 3.10
CA PRO A 138 10.12 -17.92 3.10
C PRO A 138 11.09 -17.37 2.06
N LYS A 139 10.70 -17.21 0.79
CA LYS A 139 11.64 -16.66 -0.19
C LYS A 139 12.12 -15.21 0.12
N LEU A 140 11.27 -14.44 0.81
CA LEU A 140 11.67 -13.09 1.19
C LEU A 140 12.37 -13.17 2.51
N ALA A 141 11.80 -13.89 3.48
CA ALA A 141 12.40 -13.95 4.82
C ALA A 141 13.86 -14.38 4.72
N ASN A 142 14.13 -15.31 3.75
CA ASN A 142 15.49 -15.90 3.61
C ASN A 142 16.42 -15.15 2.71
N SER A 143 15.98 -14.03 2.14
CA SER A 143 16.90 -13.21 1.34
C SER A 143 16.97 -11.73 1.67
N VAL A 144 15.91 -11.18 2.30
CA VAL A 144 15.90 -9.74 2.54
C VAL A 144 16.88 -9.34 3.65
N THR A 145 17.47 -8.15 3.54
CA THR A 145 18.32 -7.65 4.57
C THR A 145 17.54 -6.68 5.52
N PRO A 146 18.12 -6.39 6.71
CA PRO A 146 17.47 -5.39 7.54
C PRO A 146 17.24 -4.08 6.76
N TRP A 147 18.17 -3.70 5.89
CA TRP A 147 17.99 -2.49 5.11
C TRP A 147 16.74 -2.61 4.15
N ASP A 148 16.57 -3.75 3.48
CA ASP A 148 15.38 -4.01 2.63
C ASP A 148 14.13 -3.91 3.46
N ILE A 149 14.17 -4.46 4.68
CA ILE A 149 12.96 -4.48 5.50
C ILE A 149 12.57 -3.03 5.86
N LEU A 150 13.58 -2.30 6.32
CA LEU A 150 13.51 -0.87 6.61
C LEU A 150 12.91 -0.05 5.45
N LEU A 151 13.44 -0.18 4.23
CA LEU A 151 12.88 0.55 3.07
C LEU A 151 11.44 0.09 2.73
N SER A 152 11.18 -1.22 2.77
CA SER A 152 9.84 -1.77 2.38
C SER A 152 8.78 -1.18 3.34
N LEU A 153 9.05 -1.17 4.66
CA LEU A 153 8.08 -0.67 5.63
C LEU A 153 7.89 0.85 5.52
N ILE A 154 8.99 1.58 5.31
CA ILE A 154 8.82 3.00 5.16
C ILE A 154 8.03 3.30 3.86
N ALA A 155 8.31 2.57 2.76
CA ALA A 155 7.65 2.82 1.48
C ALA A 155 6.14 2.46 1.66
N ALA A 156 5.85 1.34 2.29
CA ALA A 156 4.41 0.97 2.50
C ALA A 156 3.72 2.08 3.27
N ALA A 157 4.39 2.52 4.32
CA ALA A 157 3.79 3.54 5.23
C ALA A 157 3.54 4.87 4.53
N THR A 158 4.41 5.24 3.56
CA THR A 158 4.33 6.58 2.95
C THR A 158 3.81 6.49 1.49
N HIS A 159 3.43 5.31 1.05
CA HIS A 159 3.18 5.11 -0.42
C HIS A 159 2.03 5.93 -0.97
N ASP A 160 1.11 6.38 -0.12
CA ASP A 160 -0.01 7.28 -0.59
C ASP A 160 -0.02 8.66 0.13
N LEU A 161 1.13 9.07 0.68
CA LEU A 161 1.28 10.25 1.50
C LEU A 161 0.65 11.48 0.87
N ASP A 162 -0.24 12.11 1.62
CA ASP A 162 -0.79 13.35 1.21
C ASP A 162 -1.61 13.18 -0.04
N HIS A 163 -2.30 12.06 -0.13
CA HIS A 163 -3.11 11.75 -1.33
C HIS A 163 -4.32 12.72 -1.31
N PRO A 164 -4.68 13.36 -2.46
CA PRO A 164 -5.75 14.39 -2.37
C PRO A 164 -7.15 13.80 -2.53
N GLY A 165 -7.29 12.49 -2.73
CA GLY A 165 -8.62 11.90 -2.78
C GLY A 165 -9.27 11.93 -4.16
N VAL A 166 -8.48 12.26 -5.16
CA VAL A 166 -8.92 12.33 -6.58
C VAL A 166 -7.78 11.75 -7.38
N ASN A 167 -8.08 11.28 -8.59
CA ASN A 167 -7.06 10.51 -9.30
C ASN A 167 -6.21 11.35 -10.26
N GLN A 168 -5.28 10.69 -10.95
CA GLN A 168 -4.37 11.40 -11.86
C GLN A 168 -5.10 12.07 -13.05
N PRO A 169 -5.98 11.36 -13.78
CA PRO A 169 -6.66 12.12 -14.87
C PRO A 169 -7.39 13.40 -14.37
N PHE A 170 -7.96 13.37 -13.16
CA PHE A 170 -8.61 14.55 -12.59
C PHE A 170 -7.62 15.70 -12.38
N LEU A 171 -6.43 15.38 -11.85
CA LEU A 171 -5.41 16.43 -11.60
C LEU A 171 -4.89 17.04 -12.92
N ILE A 172 -4.76 16.18 -13.89
CA ILE A 172 -4.33 16.62 -15.20
C ILE A 172 -5.39 17.56 -15.82
N LYS A 173 -6.67 17.11 -15.86
CA LYS A 173 -7.67 17.87 -16.59
C LYS A 173 -8.04 19.18 -15.87
N THR A 174 -7.80 19.26 -14.56
CA THR A 174 -8.04 20.52 -13.84
C THR A 174 -6.77 21.39 -13.71
N ASN A 175 -5.69 20.99 -14.37
CA ASN A 175 -4.44 21.73 -14.30
C ASN A 175 -3.92 21.88 -12.93
N HIS A 176 -3.96 20.81 -12.14
CA HIS A 176 -3.46 20.94 -10.77
C HIS A 176 -1.94 21.17 -10.79
N TYR A 177 -1.36 21.93 -9.86
CA TYR A 177 0.11 22.16 -9.97
C TYR A 177 0.92 20.83 -9.94
N LEU A 178 0.44 19.79 -9.25
CA LEU A 178 1.21 18.53 -9.23
C LEU A 178 1.40 17.93 -10.60
N ALA A 179 0.38 18.01 -11.44
CA ALA A 179 0.46 17.42 -12.79
C ALA A 179 1.50 18.09 -13.66
N THR A 180 1.60 19.39 -13.55
CA THR A 180 2.74 20.13 -14.17
C THR A 180 4.05 19.74 -13.52
N LEU A 181 4.10 19.82 -12.19
CA LEU A 181 5.36 19.50 -11.51
C LEU A 181 5.91 18.16 -12.06
N TYR A 182 5.03 17.16 -12.32
CA TYR A 182 5.55 15.79 -12.63
C TYR A 182 5.24 15.36 -14.04
N LYS A 183 4.86 16.36 -14.87
CA LYS A 183 4.68 16.22 -16.35
C LYS A 183 3.73 15.10 -16.65
N ASN A 184 2.58 15.12 -15.97
CA ASN A 184 1.56 14.12 -16.24
C ASN A 184 1.93 12.66 -16.09
N THR A 185 3.01 12.30 -15.36
CA THR A 185 3.49 10.93 -15.34
C THR A 185 3.54 10.46 -13.86
N SER A 186 2.76 9.44 -13.50
CA SER A 186 2.76 8.97 -12.09
C SER A 186 2.71 10.17 -11.17
N VAL A 187 1.77 11.05 -11.42
CA VAL A 187 1.75 12.38 -10.78
C VAL A 187 1.56 12.10 -9.25
N LEU A 188 0.60 11.25 -8.89
CA LEU A 188 0.29 10.96 -7.47
C LEU A 188 1.49 10.32 -6.77
N GLU A 189 2.02 9.23 -7.38
CA GLU A 189 3.11 8.47 -6.82
C GLU A 189 4.39 9.31 -6.66
N ASN A 190 4.72 10.13 -7.65
CA ASN A 190 5.79 11.09 -7.51
C ASN A 190 5.55 12.04 -6.37
N HIS A 191 4.33 12.54 -6.24
CA HIS A 191 3.99 13.37 -5.09
C HIS A 191 4.18 12.65 -3.74
N HIS A 192 3.73 11.38 -3.65
CA HIS A 192 3.84 10.65 -2.38
C HIS A 192 5.30 10.48 -2.04
N TRP A 193 6.06 10.11 -3.07
CA TRP A 193 7.46 9.92 -2.90
C TRP A 193 8.23 11.19 -2.48
N ARG A 194 8.06 12.32 -3.17
CA ARG A 194 8.80 13.55 -2.78
C ARG A 194 8.33 14.03 -1.44
N SER A 195 7.02 13.85 -1.15
CA SER A 195 6.55 14.18 0.20
C SER A 195 7.28 13.31 1.26
N ALA A 196 7.46 12.00 0.94
CA ALA A 196 8.13 11.09 1.88
C ALA A 196 9.62 11.52 2.08
N VAL A 197 10.28 11.90 1.00
CA VAL A 197 11.65 12.35 1.06
C VAL A 197 11.70 13.65 1.93
N GLY A 198 10.76 14.57 1.74
CA GLY A 198 10.71 15.75 2.66
C GLY A 198 10.59 15.34 4.14
N LEU A 199 9.76 14.36 4.46
CA LEU A 199 9.66 13.91 5.88
C LEU A 199 10.90 13.20 6.40
N LEU A 200 11.54 12.37 5.57
CA LEU A 200 12.81 11.70 5.91
C LEU A 200 13.84 12.76 6.24
N ARG A 201 14.00 13.75 5.37
CA ARG A 201 14.98 14.81 5.64
C ARG A 201 14.63 15.62 6.87
N GLU A 202 13.37 15.90 7.08
CA GLU A 202 12.99 16.79 8.15
C GLU A 202 13.16 16.12 9.52
N SER A 203 12.89 14.81 9.59
CA SER A 203 12.91 14.09 10.83
C SER A 203 14.31 13.90 11.38
N GLY A 204 15.35 13.94 10.54
CA GLY A 204 16.70 13.58 10.97
C GLY A 204 16.89 12.15 11.45
N LEU A 205 15.95 11.26 11.13
CA LEU A 205 15.96 9.89 11.69
C LEU A 205 17.24 9.13 11.27
N PHE A 206 17.75 9.38 10.07
CA PHE A 206 18.94 8.65 9.56
C PHE A 206 20.13 9.60 9.40
N SER A 207 20.08 10.70 10.15
CA SER A 207 21.10 11.71 10.03
C SER A 207 22.51 11.14 10.36
N HIS A 208 22.58 10.11 11.20
CA HIS A 208 23.88 9.52 11.58
C HIS A 208 24.42 8.53 10.49
N LEU A 209 23.66 8.32 9.39
CA LEU A 209 24.14 7.43 8.36
C LEU A 209 24.76 8.29 7.26
N PRO A 210 25.61 7.68 6.43
CA PRO A 210 26.22 8.46 5.37
C PRO A 210 25.18 9.13 4.42
N LEU A 211 25.51 10.30 3.92
CA LEU A 211 24.71 10.99 2.92
C LEU A 211 24.32 10.03 1.75
N GLU A 212 25.32 9.35 1.19
CA GLU A 212 25.07 8.36 0.12
C GLU A 212 24.04 7.23 0.46
N SER A 213 24.06 6.78 1.71
CA SER A 213 23.04 5.88 2.19
C SER A 213 21.64 6.52 2.24
N ARG A 214 21.58 7.76 2.71
CA ARG A 214 20.32 8.52 2.75
C ARG A 214 19.72 8.73 1.34
N GLN A 215 20.58 9.11 0.39
CA GLN A 215 20.22 9.26 -1.02
C GLN A 215 19.77 7.93 -1.59
N GLN A 216 20.49 6.84 -1.29
CA GLN A 216 20.10 5.57 -1.83
C GLN A 216 18.72 5.15 -1.25
N MET A 217 18.52 5.43 0.03
CA MET A 217 17.26 5.15 0.67
C MET A 217 16.13 5.87 -0.08
N GLU A 218 16.32 7.15 -0.36
CA GLU A 218 15.35 7.92 -1.05
C GLU A 218 15.03 7.29 -2.44
N THR A 219 16.06 6.84 -3.16
CA THR A 219 15.93 6.33 -4.50
C THR A 219 15.19 5.00 -4.48
N GLN A 220 15.57 4.12 -3.55
CA GLN A 220 14.94 2.78 -3.51
C GLN A 220 13.50 2.87 -3.03
N ILE A 221 13.23 3.72 -2.01
CA ILE A 221 11.83 3.99 -1.63
C ILE A 221 11.01 4.51 -2.82
N GLY A 222 11.61 5.40 -3.59
CA GLY A 222 10.95 5.99 -4.73
C GLY A 222 10.61 4.87 -5.73
N ALA A 223 11.56 3.95 -5.99
CA ALA A 223 11.27 2.89 -6.95
C ALA A 223 10.15 1.96 -6.39
N LEU A 224 10.10 1.79 -5.07
CA LEU A 224 8.98 1.04 -4.51
C LEU A 224 7.63 1.77 -4.65
N ILE A 225 7.57 3.03 -4.24
CA ILE A 225 6.30 3.82 -4.32
C ILE A 225 5.78 3.93 -5.78
N LEU A 226 6.67 4.20 -6.70
CA LEU A 226 6.28 4.42 -8.10
C LEU A 226 5.67 3.12 -8.69
N ALA A 227 6.16 1.96 -8.24
CA ALA A 227 5.57 0.64 -8.64
C ALA A 227 4.06 0.53 -8.29
N THR A 228 3.57 1.37 -7.35
CA THR A 228 2.16 1.40 -6.96
C THR A 228 1.26 2.21 -7.91
N ASP A 229 1.84 2.77 -8.96
CA ASP A 229 1.01 3.45 -9.96
C ASP A 229 0.26 2.38 -10.76
N ILE A 230 -1.02 2.16 -10.42
CA ILE A 230 -1.78 1.01 -10.93
C ILE A 230 -1.87 1.11 -12.50
N SER A 231 -1.85 2.33 -13.04
CA SER A 231 -1.85 2.52 -14.51
C SER A 231 -0.63 1.93 -15.25
N ARG A 232 0.41 1.57 -14.53
CA ARG A 232 1.51 0.92 -15.13
C ARG A 232 1.57 -0.55 -14.72
N GLN A 233 0.51 -1.07 -14.10
CA GLN A 233 0.56 -2.53 -13.73
C GLN A 233 0.98 -3.48 -14.87
N ASN A 234 0.53 -3.24 -16.08
CA ASN A 234 0.90 -4.14 -17.23
C ASN A 234 2.42 -4.28 -17.41
N GLU A 235 3.12 -3.15 -17.31
CA GLU A 235 4.57 -3.22 -17.39
C GLU A 235 5.19 -4.00 -16.26
N TYR A 236 4.79 -3.75 -15.01
CA TYR A 236 5.39 -4.55 -13.89
C TYR A 236 4.95 -6.00 -13.93
N LEU A 237 3.66 -6.25 -14.18
CA LEU A 237 3.23 -7.64 -14.16
C LEU A 237 3.89 -8.45 -15.31
N SER A 238 3.98 -7.91 -16.52
CA SER A 238 4.67 -8.63 -17.67
C SER A 238 6.09 -8.93 -17.38
N LEU A 239 6.84 -7.93 -16.89
CA LEU A 239 8.24 -8.18 -16.49
C LEU A 239 8.37 -9.29 -15.46
N PHE A 240 7.54 -9.20 -14.41
CA PHE A 240 7.52 -10.22 -13.40
C PHE A 240 7.22 -11.61 -13.96
N ARG A 241 6.12 -11.71 -14.75
CA ARG A 241 5.67 -12.95 -15.39
C ARG A 241 6.79 -13.52 -16.27
N SER A 242 7.54 -12.70 -17.03
CA SER A 242 8.68 -13.26 -17.81
C SER A 242 9.74 -13.93 -17.01
N HIS A 243 10.13 -13.26 -15.90
CA HIS A 243 11.17 -13.79 -15.04
C HIS A 243 10.69 -15.08 -14.47
N LEU A 244 9.42 -15.10 -14.14
CA LEU A 244 8.85 -16.30 -13.58
C LEU A 244 8.76 -17.44 -14.68
N ASP A 245 8.48 -17.08 -15.94
CA ASP A 245 8.54 -18.09 -16.99
C ASP A 245 9.97 -18.59 -17.19
N ARG A 246 10.92 -17.66 -17.37
CA ARG A 246 12.32 -18.04 -17.47
C ARG A 246 12.86 -18.78 -16.25
N GLY A 247 12.25 -18.64 -15.09
CA GLY A 247 12.84 -19.18 -13.83
C GLY A 247 14.20 -18.55 -13.43
N ASP A 248 14.50 -17.32 -13.86
CA ASP A 248 15.84 -16.78 -13.67
C ASP A 248 16.04 -15.83 -12.48
N LEU A 249 15.10 -15.76 -11.54
CA LEU A 249 15.19 -14.74 -10.50
C LEU A 249 16.17 -15.25 -9.48
N CYS A 250 17.06 -14.37 -9.08
CA CYS A 250 18.09 -14.73 -8.14
C CYS A 250 17.95 -13.80 -6.92
N LEU A 251 17.37 -14.30 -5.84
CA LEU A 251 16.96 -13.39 -4.76
C LEU A 251 18.16 -12.79 -3.97
N GLU A 252 19.38 -13.32 -4.17
CA GLU A 252 20.61 -12.74 -3.54
C GLU A 252 21.20 -11.65 -4.42
N ASP A 253 20.62 -11.44 -5.61
CA ASP A 253 20.84 -10.27 -6.40
C ASP A 253 19.86 -9.15 -5.96
N THR A 254 20.40 -7.97 -5.69
CA THR A 254 19.60 -6.86 -5.16
C THR A 254 18.57 -6.36 -6.14
N ARG A 255 18.93 -6.34 -7.42
CA ARG A 255 18.02 -5.87 -8.43
C ARG A 255 16.80 -6.81 -8.54
N HIS A 256 17.05 -8.11 -8.59
CA HIS A 256 15.94 -9.06 -8.66
C HIS A 256 15.08 -8.98 -7.40
N ARG A 257 15.75 -8.88 -6.26
CA ARG A 257 15.06 -8.87 -4.96
C ARG A 257 14.27 -7.60 -4.85
N HIS A 258 14.73 -6.50 -5.44
CA HIS A 258 13.94 -5.28 -5.35
C HIS A 258 12.78 -5.28 -6.32
N LEU A 259 12.90 -5.99 -7.45
CA LEU A 259 11.74 -6.17 -8.32
C LEU A 259 10.64 -6.97 -7.58
N VAL A 260 11.05 -8.01 -6.85
CA VAL A 260 10.11 -8.82 -6.07
C VAL A 260 9.45 -7.97 -4.98
N LEU A 261 10.26 -7.12 -4.33
CA LEU A 261 9.69 -6.26 -3.29
C LEU A 261 8.67 -5.27 -3.84
N GLN A 262 8.98 -4.71 -4.99
CA GLN A 262 8.03 -3.87 -5.75
C GLN A 262 6.69 -4.61 -6.04
N MET A 263 6.77 -5.89 -6.52
CA MET A 263 5.60 -6.77 -6.71
C MET A 263 4.92 -6.99 -5.36
N ALA A 264 5.68 -7.13 -4.26
CA ALA A 264 5.08 -7.37 -2.98
C ALA A 264 4.27 -6.18 -2.52
N LEU A 265 4.81 -4.99 -2.74
CA LEU A 265 4.11 -3.76 -2.40
C LEU A 265 2.90 -3.56 -3.34
N LYS A 266 3.02 -3.86 -4.62
CA LYS A 266 1.84 -3.75 -5.48
C LYS A 266 0.76 -4.68 -4.91
N CYS A 267 1.13 -5.91 -4.49
CA CYS A 267 0.14 -6.82 -3.86
C CYS A 267 -0.48 -6.20 -2.59
N ALA A 268 0.37 -5.69 -1.69
CA ALA A 268 -0.08 -5.09 -0.43
C ALA A 268 -1.11 -4.00 -0.71
N ASP A 269 -0.87 -3.24 -1.76
CA ASP A 269 -1.72 -2.13 -2.11
C ASP A 269 -3.09 -2.53 -2.68
N ILE A 270 -3.20 -3.72 -3.30
CA ILE A 270 -4.51 -4.04 -3.89
C ILE A 270 -5.03 -5.35 -3.28
N CYS A 271 -4.57 -5.66 -2.07
CA CYS A 271 -4.92 -6.94 -1.46
C CYS A 271 -6.26 -6.86 -0.71
N ASN A 272 -6.96 -5.71 -0.72
CA ASN A 272 -8.27 -5.64 -0.03
C ASN A 272 -9.21 -6.82 -0.38
N PRO A 273 -9.36 -7.17 -1.71
CA PRO A 273 -10.30 -8.27 -2.02
C PRO A 273 -9.75 -9.62 -1.56
N CYS A 274 -8.47 -9.67 -1.16
CA CYS A 274 -7.88 -10.92 -0.70
C CYS A 274 -8.04 -11.07 0.77
N ARG A 275 -8.78 -10.16 1.38
CA ARG A 275 -9.01 -10.28 2.79
C ARG A 275 -10.37 -11.04 3.03
N THR A 276 -10.60 -11.36 4.27
CA THR A 276 -11.90 -11.72 4.69
C THR A 276 -13.03 -10.84 4.14
N TRP A 277 -14.22 -11.47 3.95
CA TRP A 277 -15.37 -10.74 3.48
C TRP A 277 -15.66 -9.48 4.33
N GLU A 278 -15.56 -9.59 5.67
CA GLU A 278 -15.92 -8.42 6.49
C GLU A 278 -14.93 -7.27 6.29
N LEU A 279 -13.65 -7.59 6.14
CA LEU A 279 -12.71 -6.54 5.86
C LEU A 279 -12.93 -5.97 4.44
N SER A 280 -12.94 -6.86 3.48
CA SER A 280 -13.04 -6.45 2.05
C SER A 280 -14.26 -5.57 1.69
N LYS A 281 -15.42 -5.96 2.28
CA LYS A 281 -16.63 -5.18 2.19
C LYS A 281 -16.42 -3.74 2.69
N GLN A 282 -15.79 -3.55 3.86
CA GLN A 282 -15.56 -2.18 4.30
C GLN A 282 -14.66 -1.41 3.31
N TRP A 283 -13.61 -2.04 2.79
CA TRP A 283 -12.64 -1.34 1.90
C TRP A 283 -13.37 -0.96 0.63
N SER A 284 -14.25 -1.85 0.15
CA SER A 284 -14.97 -1.64 -1.13
C SER A 284 -15.94 -0.48 -1.01
N GLU A 285 -16.60 -0.35 0.16
CA GLU A 285 -17.53 0.78 0.43
C GLU A 285 -16.76 2.08 0.50
N LYS A 286 -15.60 2.02 1.18
CA LYS A 286 -14.76 3.21 1.29
C LYS A 286 -14.16 3.63 -0.04
N VAL A 287 -13.72 2.68 -0.86
CA VAL A 287 -13.04 3.04 -2.10
C VAL A 287 -14.08 3.64 -3.05
N THR A 288 -15.28 3.02 -3.06
CA THR A 288 -16.41 3.45 -3.88
C THR A 288 -16.91 4.81 -3.47
N GLU A 289 -16.98 5.05 -2.16
CA GLU A 289 -17.36 6.39 -1.70
C GLU A 289 -16.43 7.51 -2.20
N GLU A 290 -15.13 7.25 -2.17
CA GLU A 290 -14.19 8.20 -2.63
C GLU A 290 -14.29 8.41 -4.18
N PHE A 291 -14.35 7.30 -4.95
CA PHE A 291 -14.57 7.42 -6.42
C PHE A 291 -15.86 8.27 -6.73
N PHE A 292 -16.96 7.91 -6.07
CA PHE A 292 -18.27 8.58 -6.33
C PHE A 292 -18.25 10.06 -5.95
N HIS A 293 -17.44 10.38 -4.94
CA HIS A 293 -17.26 11.76 -4.57
C HIS A 293 -16.52 12.56 -5.69
N GLN A 294 -15.50 11.96 -6.31
CA GLN A 294 -14.79 12.61 -7.40
C GLN A 294 -15.81 12.81 -8.55
N GLY A 295 -16.61 11.77 -8.83
CA GLY A 295 -17.71 11.87 -9.82
C GLY A 295 -18.71 12.97 -9.55
N ASP A 296 -19.12 13.17 -8.29
CA ASP A 296 -20.01 14.31 -7.99
C ASP A 296 -19.37 15.67 -8.31
N ILE A 297 -18.06 15.80 -8.02
CA ILE A 297 -17.43 17.05 -8.32
C ILE A 297 -17.37 17.16 -9.86
N GLU A 298 -16.97 16.10 -10.56
CA GLU A 298 -16.91 16.23 -12.02
C GLU A 298 -18.28 16.58 -12.64
N LYS A 299 -19.34 16.05 -12.04
CA LYS A 299 -20.64 16.28 -12.60
C LYS A 299 -21.04 17.79 -12.34
N LYS A 300 -20.89 18.21 -11.11
CA LYS A 300 -21.26 19.54 -10.66
C LYS A 300 -20.51 20.61 -11.46
N TYR A 301 -19.26 20.34 -11.81
CA TYR A 301 -18.48 21.37 -12.52
C TYR A 301 -18.24 21.07 -13.98
N HIS A 302 -18.95 20.09 -14.58
CA HIS A 302 -18.84 19.86 -16.04
C HIS A 302 -17.42 19.51 -16.46
N LEU A 303 -16.79 18.62 -15.65
CA LEU A 303 -15.39 18.20 -15.88
C LEU A 303 -15.27 16.93 -16.73
N GLY A 304 -16.40 16.29 -17.04
CA GLY A 304 -16.39 14.90 -17.59
C GLY A 304 -16.29 13.92 -16.41
N VAL A 305 -17.20 12.96 -16.31
CA VAL A 305 -17.20 12.00 -15.20
C VAL A 305 -16.24 10.84 -15.49
N SER A 306 -15.32 10.52 -14.56
CA SER A 306 -14.29 9.55 -14.84
C SER A 306 -14.88 8.15 -14.80
N PRO A 307 -14.22 7.16 -15.46
CA PRO A 307 -14.70 5.73 -15.34
C PRO A 307 -14.73 5.38 -13.84
N LEU A 308 -15.77 4.69 -13.41
CA LEU A 308 -15.91 4.15 -12.07
C LEU A 308 -16.45 5.20 -11.08
N CYS A 309 -16.56 6.49 -11.47
CA CYS A 309 -16.89 7.55 -10.50
C CYS A 309 -18.36 8.01 -10.52
N ASP A 310 -19.17 7.42 -11.41
CA ASP A 310 -20.54 7.89 -11.59
C ASP A 310 -21.49 7.04 -10.79
N ARG A 311 -21.98 7.57 -9.66
CA ARG A 311 -22.85 6.79 -8.76
C ARG A 311 -24.20 6.37 -9.42
N HIS A 312 -24.59 7.03 -10.52
CA HIS A 312 -25.87 6.80 -11.16
C HIS A 312 -25.75 5.68 -12.16
N THR A 313 -24.55 5.36 -12.63
CA THR A 313 -24.46 4.23 -13.54
C THR A 313 -23.55 3.11 -13.09
N GLU A 314 -23.09 3.08 -11.84
CA GLU A 314 -22.07 2.08 -11.45
C GLU A 314 -22.49 1.58 -10.10
N SER A 315 -22.14 0.34 -9.76
CA SER A 315 -22.42 -0.18 -8.41
C SER A 315 -21.15 -0.66 -7.79
N ILE A 316 -21.22 -0.74 -6.47
CA ILE A 316 -20.14 -1.25 -5.71
C ILE A 316 -19.75 -2.69 -6.16
N ALA A 317 -20.76 -3.51 -6.43
CA ALA A 317 -20.56 -4.91 -6.75
C ALA A 317 -19.85 -5.08 -8.07
N ASN A 318 -20.33 -4.36 -9.09
CA ASN A 318 -19.78 -4.43 -10.41
C ASN A 318 -18.39 -3.89 -10.46
N ILE A 319 -18.15 -2.82 -9.71
CA ILE A 319 -16.83 -2.22 -9.67
C ILE A 319 -15.85 -3.23 -9.09
N GLN A 320 -16.20 -3.86 -7.97
CA GLN A 320 -15.36 -4.90 -7.38
C GLN A 320 -15.11 -6.07 -8.29
N ILE A 321 -16.15 -6.55 -8.96
CA ILE A 321 -16.04 -7.73 -9.79
C ILE A 321 -15.08 -7.51 -10.91
N GLY A 322 -15.23 -6.41 -11.67
CA GLY A 322 -14.26 -6.15 -12.77
C GLY A 322 -12.81 -5.94 -12.25
N PHE A 323 -12.65 -5.20 -11.14
CA PHE A 323 -11.33 -4.98 -10.50
C PHE A 323 -10.71 -6.35 -10.16
N MET A 324 -11.51 -7.25 -9.60
CA MET A 324 -11.00 -8.57 -9.22
C MET A 324 -10.61 -9.38 -10.43
N THR A 325 -11.38 -9.30 -11.50
CA THR A 325 -11.06 -10.12 -12.64
C THR A 325 -9.81 -9.60 -13.35
N TYR A 326 -9.69 -8.28 -13.49
CA TYR A 326 -8.71 -7.72 -14.44
C TYR A 326 -7.42 -7.24 -13.78
N LEU A 327 -7.50 -6.84 -12.51
CA LEU A 327 -6.27 -6.34 -11.79
C LEU A 327 -5.81 -7.26 -10.65
N VAL A 328 -6.75 -7.65 -9.78
CA VAL A 328 -6.33 -8.40 -8.59
C VAL A 328 -5.91 -9.85 -8.98
N GLU A 329 -6.74 -10.55 -9.75
CA GLU A 329 -6.48 -11.99 -9.96
C GLU A 329 -5.23 -12.18 -10.77
N PRO A 330 -5.01 -11.37 -11.83
CA PRO A 330 -3.76 -11.58 -12.58
C PRO A 330 -2.50 -11.35 -11.72
N LEU A 331 -2.47 -10.27 -10.93
CA LEU A 331 -1.32 -9.98 -10.06
C LEU A 331 -1.15 -11.13 -9.04
N PHE A 332 -2.21 -11.46 -8.32
CA PHE A 332 -2.07 -12.54 -7.29
C PHE A 332 -1.79 -13.97 -7.77
N THR A 333 -2.21 -14.27 -8.99
CA THR A 333 -1.85 -15.54 -9.61
C THR A 333 -0.35 -15.55 -9.94
N GLU A 334 0.19 -14.48 -10.58
CA GLU A 334 1.66 -14.44 -10.72
C GLU A 334 2.36 -14.49 -9.36
N TRP A 335 1.86 -13.72 -8.41
CA TRP A 335 2.48 -13.73 -7.09
C TRP A 335 2.52 -15.18 -6.51
N ALA A 336 1.41 -15.91 -6.70
CA ALA A 336 1.31 -17.29 -6.14
C ALA A 336 2.27 -18.24 -6.86
N ARG A 337 2.63 -17.98 -8.14
CA ARG A 337 3.72 -18.73 -8.81
C ARG A 337 5.08 -18.41 -8.13
N PHE A 338 5.35 -17.14 -7.77
CA PHE A 338 6.61 -16.80 -7.11
C PHE A 338 6.67 -17.42 -5.71
N SER A 339 5.64 -17.15 -4.89
CA SER A 339 5.56 -17.61 -3.53
C SER A 339 4.34 -18.54 -3.39
N ASN A 340 4.56 -19.81 -3.68
CA ASN A 340 3.53 -20.82 -3.73
C ASN A 340 3.26 -21.39 -2.34
N THR A 341 2.65 -20.62 -1.46
CA THR A 341 2.53 -21.01 -0.06
C THR A 341 1.04 -21.06 0.30
N ARG A 342 0.73 -21.47 1.54
CA ARG A 342 -0.62 -21.34 2.09
C ARG A 342 -1.19 -19.89 2.01
N LEU A 343 -0.39 -18.88 2.37
CA LEU A 343 -0.82 -17.47 2.33
C LEU A 343 -1.33 -17.11 0.92
N SER A 344 -0.63 -17.55 -0.12
CA SER A 344 -1.01 -17.15 -1.47
C SER A 344 -2.32 -17.80 -1.88
N GLN A 345 -2.55 -19.04 -1.37
CA GLN A 345 -3.78 -19.77 -1.65
C GLN A 345 -4.90 -19.17 -0.90
N THR A 346 -4.67 -18.86 0.37
CA THR A 346 -5.66 -18.22 1.20
C THR A 346 -6.10 -16.91 0.51
N MET A 347 -5.12 -16.13 0.01
CA MET A 347 -5.45 -14.82 -0.53
C MET A 347 -6.35 -15.04 -1.75
N LEU A 348 -5.98 -15.96 -2.63
CA LEU A 348 -6.75 -16.17 -3.86
C LEU A 348 -8.14 -16.81 -3.57
N GLY A 349 -8.26 -17.59 -2.48
CA GLY A 349 -9.56 -18.20 -2.10
C GLY A 349 -10.46 -17.07 -1.64
N HIS A 350 -9.90 -16.10 -0.92
CA HIS A 350 -10.73 -15.01 -0.52
C HIS A 350 -11.24 -14.16 -1.67
N VAL A 351 -10.44 -13.96 -2.71
CA VAL A 351 -10.93 -13.30 -3.94
C VAL A 351 -12.10 -14.05 -4.57
N GLY A 352 -11.96 -15.39 -4.69
CA GLY A 352 -13.02 -16.18 -5.34
C GLY A 352 -14.27 -16.11 -4.51
N LEU A 353 -14.12 -16.17 -3.20
CA LEU A 353 -15.26 -16.11 -2.30
C LEU A 353 -15.86 -14.71 -2.33
N ASN A 354 -15.01 -13.66 -2.27
CA ASN A 354 -15.58 -12.32 -2.20
C ASN A 354 -16.25 -12.01 -3.52
N LYS A 355 -15.70 -12.51 -4.60
CA LYS A 355 -16.31 -12.25 -5.91
C LYS A 355 -17.74 -12.89 -5.95
N ALA A 356 -17.88 -14.14 -5.51
CA ALA A 356 -19.21 -14.83 -5.44
C ALA A 356 -20.13 -14.06 -4.53
N SER A 357 -19.64 -13.49 -3.44
CA SER A 357 -20.53 -12.67 -2.63
C SER A 357 -21.10 -11.45 -3.37
N TRP A 358 -20.27 -10.73 -4.14
CA TRP A 358 -20.73 -9.58 -4.86
C TRP A 358 -21.72 -9.96 -5.98
N LYS A 359 -21.50 -11.10 -6.64
CA LYS A 359 -22.43 -11.60 -7.66
C LYS A 359 -23.76 -11.95 -6.97
N GLY A 360 -23.68 -12.56 -5.80
CA GLY A 360 -24.83 -12.93 -5.00
C GLY A 360 -25.69 -11.73 -4.73
N LEU A 361 -25.06 -10.63 -4.32
CA LEU A 361 -25.74 -9.37 -4.05
C LEU A 361 -26.22 -8.66 -5.30
N GLN A 362 -26.06 -9.25 -6.48
CA GLN A 362 -26.80 -8.76 -7.64
C GLN A 362 -28.12 -9.55 -7.74
N ARG A 363 -28.49 -10.01 -8.91
CA ARG A 363 -29.97 -10.18 -9.04
C ARG A 363 -30.40 -11.64 -9.01
#